data_9LNF
#
_entry.id   9LNF
#
_cell.length_a   72.190
_cell.length_b   72.190
_cell.length_c   108.440
_cell.angle_alpha   90.00
_cell.angle_beta   90.00
_cell.angle_gamma   120.00
#
_symmetry.space_group_name_H-M   'P 62'
#
loop_
_entity.id
_entity.type
_entity.pdbx_description
1 polymer 'SpoIVB peptidase 42 kDa isoform'
2 water water
#
_entity_poly.entity_id   1
_entity_poly.type   'polypeptide(L)'
_entity_poly.pdbx_seq_one_letter_code
;RHMGLPDLKVIPGGQSIGVKLHSVGVLVVGFHQINTSEGKKSPGETAGIEAGDIIIEMNGQKIEKMNDVAPFIQKAGKTG
ESLDLLIKRDKQKIKTKLIPEKDEGEGKYRIGLYIRDSAAGIGTMTFYEPKTKKYGALGHVISDMDTKKPIVVENGEIVK
STVTSIEKGTGGNPGEKLARFSSERKTIGDINRNSPFGIFGTLHQPIQNNISDQALPVAFSTEVKKGPAEILTVIDDDKV
EKFDIEIVSTTPQKFPATKGMVLKITDPRLLKETGGIVQGMAGAPIIQNGKVIGAVTHVFVNDPTSGYGVHIEWMLSEAG
IDIYGKEKAS
;
_entity_poly.pdbx_strand_id   A
#
# COMPACT_ATOMS: atom_id res chain seq x y z
N ARG A 1 -43.42 -2.91 -0.96
CA ARG A 1 -43.56 -1.60 -1.66
C ARG A 1 -43.34 -0.50 -0.61
N HIS A 2 -42.64 -0.83 0.48
CA HIS A 2 -42.33 0.09 1.61
C HIS A 2 -41.08 0.95 1.35
N MET A 3 -40.64 1.76 2.33
CA MET A 3 -39.46 2.69 2.25
C MET A 3 -38.64 2.79 3.54
N GLY A 4 -37.39 3.31 3.46
CA GLY A 4 -36.62 3.67 4.67
C GLY A 4 -35.20 3.14 4.92
N LEU A 5 -34.34 3.00 3.90
CA LEU A 5 -32.96 2.48 4.16
C LEU A 5 -32.09 3.51 4.90
N PRO A 6 -31.24 3.08 5.87
CA PRO A 6 -30.35 3.98 6.63
C PRO A 6 -29.04 4.41 5.96
N ASP A 7 -28.37 5.44 6.52
CA ASP A 7 -27.11 6.02 5.95
C ASP A 7 -25.84 5.50 6.64
N LEU A 8 -24.78 5.24 5.86
CA LEU A 8 -23.50 4.73 6.33
C LEU A 8 -22.56 5.83 6.80
N LYS A 9 -21.91 5.60 7.93
CA LYS A 9 -21.12 6.63 8.57
C LYS A 9 -19.75 6.09 8.95
N VAL A 10 -18.70 6.82 8.57
CA VAL A 10 -17.32 6.45 8.91
C VAL A 10 -16.64 7.61 9.64
N ILE A 11 -15.54 7.28 10.31
CA ILE A 11 -14.76 8.32 11.04
C ILE A 11 -13.53 8.67 10.22
N PRO A 12 -13.30 9.93 9.86
CA PRO A 12 -12.13 10.30 9.11
C PRO A 12 -10.86 10.00 9.90
N GLY A 13 -9.81 9.56 9.23
CA GLY A 13 -8.53 9.28 9.89
C GLY A 13 -7.62 10.47 9.80
N GLY A 14 -6.57 10.36 9.01
CA GLY A 14 -5.59 11.45 8.85
C GLY A 14 -4.30 11.22 9.62
N GLN A 15 -4.22 10.17 10.44
CA GLN A 15 -2.97 9.92 11.19
C GLN A 15 -1.87 9.41 10.26
N SER A 16 -0.64 9.88 10.45
CA SER A 16 0.48 9.31 9.67
C SER A 16 0.65 7.87 10.15
N ILE A 17 0.84 6.94 9.23
CA ILE A 17 0.96 5.53 9.57
C ILE A 17 2.11 4.92 8.79
N GLY A 18 2.72 3.91 9.41
CA GLY A 18 3.61 3.00 8.72
C GLY A 18 2.85 1.76 8.31
N VAL A 19 3.27 1.19 7.18
CA VAL A 19 2.63 0.07 6.50
C VAL A 19 3.67 -1.01 6.24
N LYS A 20 3.41 -2.21 6.77
CA LYS A 20 4.24 -3.37 6.48
C LYS A 20 3.37 -4.45 5.88
N LEU A 21 3.72 -4.85 4.67
CA LEU A 21 3.01 -5.86 3.90
C LEU A 21 3.92 -7.08 3.80
N HIS A 22 3.45 -8.24 4.30
CA HIS A 22 4.19 -9.50 4.18
C HIS A 22 3.57 -10.28 3.04
N SER A 23 4.35 -10.43 1.96
CA SER A 23 3.97 -11.14 0.76
C SER A 23 3.75 -12.63 1.01
N VAL A 24 2.96 -13.23 0.13
CA VAL A 24 2.84 -14.68 0.12
C VAL A 24 4.16 -15.29 -0.37
N GLY A 25 4.60 -16.34 0.29
CA GLY A 25 5.87 -16.94 -0.07
C GLY A 25 6.99 -15.93 0.03
N VAL A 26 7.78 -15.83 -1.03
CA VAL A 26 8.75 -14.77 -1.18
C VAL A 26 8.71 -14.29 -2.62
N LEU A 27 9.08 -13.03 -2.82
CA LEU A 27 8.87 -12.35 -4.09
C LEU A 27 10.21 -12.23 -4.84
N VAL A 28 10.26 -12.81 -6.03
CA VAL A 28 11.42 -12.66 -6.88
C VAL A 28 11.32 -11.30 -7.53
N VAL A 29 12.34 -10.47 -7.32
CA VAL A 29 12.35 -9.15 -7.89
C VAL A 29 13.37 -9.02 -9.01
N GLY A 30 14.13 -10.06 -9.31
CA GLY A 30 15.11 -9.98 -10.37
C GLY A 30 16.12 -11.10 -10.28
N PHE A 31 16.99 -11.12 -11.28
CA PHE A 31 17.89 -12.24 -11.53
C PHE A 31 19.34 -11.82 -11.43
N HIS A 32 20.20 -12.80 -11.20
CA HIS A 32 21.51 -12.59 -10.61
C HIS A 32 22.49 -13.61 -11.19
N GLN A 33 23.74 -13.18 -11.38
CA GLN A 33 24.76 -13.98 -12.03
C GLN A 33 25.66 -14.67 -11.01
N ILE A 34 25.94 -15.95 -11.25
CA ILE A 34 26.78 -16.77 -10.38
C ILE A 34 27.79 -17.52 -11.23
N ASN A 35 28.86 -17.98 -10.58
CA ASN A 35 30.02 -18.49 -11.30
C ASN A 35 29.87 -19.97 -11.64
N THR A 36 30.09 -20.26 -12.91
CA THR A 36 29.96 -21.58 -13.49
C THR A 36 31.34 -22.08 -13.87
N SER A 37 31.53 -23.41 -13.83
CA SER A 37 32.81 -23.98 -14.24
C SER A 37 33.15 -23.59 -15.68
N GLU A 38 32.28 -23.95 -16.63
CA GLU A 38 32.49 -23.64 -18.04
C GLU A 38 31.29 -22.84 -18.56
N GLY A 39 31.56 -21.62 -19.04
CA GLY A 39 30.51 -20.75 -19.51
C GLY A 39 29.92 -19.90 -18.40
N LYS A 40 28.91 -19.11 -18.79
CA LYS A 40 28.20 -18.28 -17.78
C LYS A 40 26.73 -18.13 -18.20
N LYS A 41 25.83 -18.73 -17.42
CA LYS A 41 24.36 -18.64 -17.62
C LYS A 41 23.70 -18.59 -16.23
N SER A 42 22.49 -18.04 -16.12
CA SER A 42 21.80 -17.93 -14.81
C SER A 42 20.65 -18.93 -14.76
N PRO A 43 20.55 -19.76 -13.71
CA PRO A 43 19.52 -20.78 -13.66
C PRO A 43 18.07 -20.29 -13.70
N GLY A 44 17.74 -19.25 -12.94
CA GLY A 44 16.33 -18.81 -12.91
C GLY A 44 15.83 -18.40 -14.27
N GLU A 45 16.61 -17.61 -15.02
CA GLU A 45 16.14 -17.14 -16.34
C GLU A 45 15.88 -18.35 -17.22
N THR A 46 16.82 -19.30 -17.22
CA THR A 46 16.73 -20.55 -18.00
C THR A 46 15.60 -21.44 -17.44
N ALA A 47 15.45 -21.49 -16.11
CA ALA A 47 14.45 -22.39 -15.48
C ALA A 47 13.04 -22.04 -15.93
N GLY A 48 12.69 -20.76 -16.04
CA GLY A 48 11.33 -20.38 -16.44
C GLY A 48 10.70 -19.43 -15.43
N ILE A 49 11.47 -18.46 -14.94
CA ILE A 49 10.99 -17.50 -13.91
C ILE A 49 11.13 -16.08 -14.45
N GLU A 50 10.40 -15.14 -13.86
CA GLU A 50 10.46 -13.72 -14.30
C GLU A 50 10.11 -12.82 -13.10
N ALA A 51 10.55 -11.57 -13.13
CA ALA A 51 10.25 -10.54 -12.12
C ALA A 51 8.75 -10.55 -11.79
N GLY A 52 8.42 -10.55 -10.50
CA GLY A 52 7.03 -10.56 -10.04
C GLY A 52 6.52 -11.96 -9.82
N ASP A 53 7.38 -12.95 -10.02
CA ASP A 53 6.93 -14.34 -9.82
C ASP A 53 7.06 -14.66 -8.33
N ILE A 54 6.00 -15.20 -7.70
CA ILE A 54 6.05 -15.51 -6.25
C ILE A 54 6.30 -17.00 -6.05
N ILE A 55 7.42 -17.33 -5.41
CA ILE A 55 7.88 -18.72 -5.15
C ILE A 55 7.25 -19.22 -3.86
N ILE A 56 5.98 -19.61 -3.91
CA ILE A 56 5.31 -20.08 -2.66
C ILE A 56 5.91 -21.41 -2.17
N GLU A 57 6.20 -22.36 -3.07
CA GLU A 57 6.74 -23.66 -2.58
C GLU A 57 8.04 -24.09 -3.26
N MET A 58 9.05 -24.40 -2.45
CA MET A 58 10.35 -24.86 -3.00
C MET A 58 10.37 -26.39 -3.00
N ASN A 59 10.22 -26.99 -4.18
CA ASN A 59 10.14 -28.47 -4.36
C ASN A 59 8.99 -29.05 -3.51
N GLY A 60 7.85 -28.37 -3.46
CA GLY A 60 6.69 -28.83 -2.68
C GLY A 60 6.75 -28.39 -1.23
N GLN A 61 7.77 -27.62 -0.85
CA GLN A 61 7.86 -27.14 0.56
C GLN A 61 7.55 -25.63 0.58
N LYS A 62 6.53 -25.23 1.35
CA LYS A 62 6.08 -23.82 1.44
C LYS A 62 7.16 -22.98 2.10
N ILE A 63 7.36 -21.74 1.61
CA ILE A 63 8.40 -20.82 2.18
C ILE A 63 7.71 -19.64 2.86
N GLU A 64 8.01 -19.36 4.12
CA GLU A 64 7.35 -18.22 4.81
C GLU A 64 8.35 -17.12 5.19
N LYS A 65 9.64 -17.29 4.90
CA LYS A 65 10.62 -16.22 5.25
C LYS A 65 11.85 -16.32 4.34
N MET A 66 12.64 -15.24 4.31
CA MET A 66 13.91 -15.16 3.52
C MET A 66 14.93 -16.17 4.05
N ASN A 67 14.91 -16.43 5.37
CA ASN A 67 15.79 -17.40 6.08
C ASN A 67 15.50 -18.84 5.62
N ASP A 68 14.29 -19.13 5.13
CA ASP A 68 13.85 -20.48 4.69
C ASP A 68 14.75 -21.03 3.57
N VAL A 69 15.30 -20.17 2.71
CA VAL A 69 16.24 -20.63 1.64
C VAL A 69 17.60 -21.02 2.22
N ALA A 70 17.97 -20.55 3.42
CA ALA A 70 19.32 -20.85 3.95
C ALA A 70 19.54 -22.37 4.11
N PRO A 71 18.63 -23.17 4.67
CA PRO A 71 18.83 -24.62 4.73
C PRO A 71 18.83 -25.18 3.31
N PHE A 72 17.96 -24.65 2.45
CA PHE A 72 17.79 -25.10 1.06
C PHE A 72 19.05 -24.93 0.22
N ILE A 73 19.78 -23.83 0.36
CA ILE A 73 20.92 -23.66 -0.59
C ILE A 73 21.96 -24.79 -0.42
N GLN A 74 22.34 -25.11 0.81
CA GLN A 74 23.36 -26.17 1.05
C GLN A 74 22.82 -27.53 0.58
N LYS A 75 21.56 -27.81 0.92
CA LYS A 75 20.90 -29.09 0.56
C LYS A 75 20.77 -29.21 -0.96
N ALA A 76 20.51 -28.10 -1.64
CA ALA A 76 20.37 -28.11 -3.11
C ALA A 76 21.68 -28.56 -3.76
N GLY A 77 22.82 -28.12 -3.23
CA GLY A 77 24.10 -28.51 -3.86
C GLY A 77 24.26 -30.02 -3.84
N LYS A 78 24.15 -30.57 -2.62
CA LYS A 78 24.36 -32.02 -2.35
C LYS A 78 23.55 -32.88 -3.31
N THR A 79 22.22 -32.78 -3.28
CA THR A 79 21.42 -33.68 -4.17
C THR A 79 21.80 -33.40 -5.62
N GLY A 80 21.82 -32.13 -6.01
CA GLY A 80 22.23 -31.72 -7.38
C GLY A 80 21.46 -32.40 -8.50
N GLU A 81 20.17 -32.71 -8.31
CA GLU A 81 19.47 -33.40 -9.43
C GLU A 81 18.60 -32.39 -10.18
N SER A 82 17.68 -31.70 -9.47
CA SER A 82 16.84 -30.60 -10.00
C SER A 82 16.18 -29.81 -8.87
N LEU A 83 15.83 -28.55 -9.13
CA LEU A 83 15.07 -27.67 -8.19
C LEU A 83 13.73 -27.46 -8.89
N ASP A 84 12.70 -28.16 -8.40
CA ASP A 84 11.42 -28.31 -9.12
C ASP A 84 10.37 -27.37 -8.51
N LEU A 85 10.81 -26.34 -7.79
CA LEU A 85 9.91 -25.44 -7.02
C LEU A 85 8.84 -24.78 -7.90
N LEU A 86 7.67 -24.55 -7.29
CA LEU A 86 6.50 -23.96 -8.00
C LEU A 86 6.34 -22.48 -7.64
N ILE A 87 6.11 -21.67 -8.67
CA ILE A 87 5.96 -20.20 -8.56
C ILE A 87 4.50 -19.83 -8.84
N LYS A 88 4.07 -18.64 -8.45
CA LYS A 88 2.67 -18.22 -8.74
C LYS A 88 2.70 -16.95 -9.58
N ARG A 89 2.21 -17.00 -10.81
CA ARG A 89 2.15 -15.80 -11.67
C ARG A 89 0.68 -15.41 -11.78
N ASP A 90 0.32 -14.20 -11.35
CA ASP A 90 -1.12 -13.81 -11.32
C ASP A 90 -1.80 -14.87 -10.46
N LYS A 91 -2.84 -15.52 -10.98
CA LYS A 91 -3.48 -16.59 -10.18
C LYS A 91 -3.03 -17.95 -10.72
N GLN A 92 -1.99 -17.97 -11.55
CA GLN A 92 -1.53 -19.23 -12.20
C GLN A 92 -0.25 -19.78 -11.56
N LYS A 93 -0.29 -21.00 -11.03
CA LYS A 93 0.92 -21.65 -10.46
C LYS A 93 1.82 -22.05 -11.64
N ILE A 94 3.13 -21.88 -11.47
CA ILE A 94 4.14 -22.25 -12.51
C ILE A 94 5.26 -23.05 -11.82
N LYS A 95 5.53 -24.26 -12.30
CA LYS A 95 6.58 -25.12 -11.68
C LYS A 95 7.80 -25.19 -12.60
N THR A 96 8.97 -24.80 -12.08
CA THR A 96 10.24 -24.84 -12.84
C THR A 96 11.26 -25.69 -12.09
N LYS A 97 11.90 -26.63 -12.78
CA LYS A 97 12.92 -27.51 -12.12
C LYS A 97 14.31 -27.13 -12.64
N LEU A 98 15.10 -26.45 -11.80
CA LEU A 98 16.43 -25.99 -12.25
C LEU A 98 17.47 -26.21 -11.15
N ILE A 99 18.76 -26.25 -11.52
CA ILE A 99 19.84 -26.57 -10.56
C ILE A 99 20.80 -25.39 -10.38
N PRO A 100 21.19 -25.05 -9.04
CA PRO A 100 22.18 -23.95 -8.21
C PRO A 100 23.63 -24.08 -8.67
N GLU A 101 24.30 -22.95 -8.85
CA GLU A 101 25.74 -22.91 -9.20
C GLU A 101 26.49 -22.66 -7.89
N LYS A 102 27.38 -21.66 -7.85
CA LYS A 102 28.11 -21.39 -6.58
C LYS A 102 28.64 -19.96 -6.58
N ASP A 103 28.91 -19.43 -5.38
CA ASP A 103 29.51 -18.07 -5.21
C ASP A 103 31.00 -18.26 -4.90
N GLU A 104 31.88 -17.72 -5.75
CA GLU A 104 33.33 -17.99 -5.57
C GLU A 104 33.92 -17.43 -4.27
N GLY A 105 33.64 -16.18 -3.90
CA GLY A 105 34.29 -15.60 -2.71
C GLY A 105 33.96 -16.26 -1.38
N GLU A 106 32.68 -16.49 -1.11
CA GLU A 106 32.23 -17.14 0.15
C GLU A 106 32.66 -18.60 0.13
N GLY A 107 32.61 -19.19 -1.06
CA GLY A 107 32.89 -20.63 -1.25
C GLY A 107 31.59 -21.42 -1.14
N LYS A 108 30.46 -20.72 -0.97
CA LYS A 108 29.12 -21.34 -0.85
C LYS A 108 28.37 -21.21 -2.16
N TYR A 109 27.26 -21.94 -2.29
CA TYR A 109 26.41 -21.97 -3.52
C TYR A 109 25.60 -20.68 -3.64
N ARG A 110 25.11 -20.42 -4.87
CA ARG A 110 24.28 -19.21 -5.17
C ARG A 110 23.03 -19.65 -5.94
N ILE A 111 21.95 -18.86 -5.90
CA ILE A 111 20.68 -19.22 -6.60
C ILE A 111 20.43 -18.29 -7.79
N GLY A 112 21.12 -17.14 -7.83
CA GLY A 112 20.96 -16.20 -8.91
C GLY A 112 19.63 -15.47 -8.92
N LEU A 113 18.88 -15.54 -7.82
CA LEU A 113 17.60 -14.86 -7.70
C LEU A 113 17.75 -13.71 -6.74
N TYR A 114 17.25 -12.54 -7.14
CA TYR A 114 17.10 -11.44 -6.20
C TYR A 114 15.70 -11.52 -5.62
N ILE A 115 15.59 -11.50 -4.30
CA ILE A 115 14.29 -11.72 -3.70
C ILE A 115 14.08 -10.77 -2.54
N ARG A 116 12.83 -10.46 -2.26
CA ARG A 116 12.39 -9.65 -1.12
C ARG A 116 11.19 -10.33 -0.48
N ASP A 117 10.97 -10.06 0.81
CA ASP A 117 9.90 -10.68 1.56
C ASP A 117 8.75 -9.73 1.95
N SER A 118 8.94 -8.42 1.82
CA SER A 118 7.89 -7.53 2.29
C SER A 118 7.98 -6.22 1.53
N ALA A 119 7.00 -5.38 1.79
CA ALA A 119 6.99 -3.99 1.35
C ALA A 119 6.71 -3.10 2.55
N ALA A 120 7.20 -1.86 2.47
CA ALA A 120 7.12 -0.97 3.61
C ALA A 120 6.87 0.44 3.10
N GLY A 121 6.09 1.18 3.85
CA GLY A 121 5.74 2.50 3.39
C GLY A 121 5.13 3.35 4.48
N ILE A 122 5.17 4.65 4.28
CA ILE A 122 4.47 5.59 5.14
C ILE A 122 3.30 6.14 4.32
N GLY A 123 2.12 6.19 4.94
CA GLY A 123 0.92 6.74 4.32
C GLY A 123 0.03 7.35 5.37
N THR A 124 -1.27 7.48 5.06
CA THR A 124 -2.24 8.17 5.88
C THR A 124 -3.51 7.33 5.97
N MET A 125 -4.07 7.28 7.17
CA MET A 125 -5.29 6.54 7.44
C MET A 125 -6.49 7.30 6.89
N THR A 126 -7.29 6.62 6.08
CA THR A 126 -8.44 7.29 5.43
C THR A 126 -9.68 7.26 6.33
N PHE A 127 -10.19 6.08 6.67
CA PHE A 127 -11.41 6.05 7.49
C PHE A 127 -11.54 4.71 8.21
N TYR A 128 -12.43 4.64 9.20
CA TYR A 128 -12.78 3.36 9.87
C TYR A 128 -14.26 3.33 10.19
N GLU A 129 -14.98 2.23 9.92
CA GLU A 129 -16.43 2.19 10.25
C GLU A 129 -16.45 1.50 11.61
N PRO A 130 -17.04 2.10 12.85
CA PRO A 130 -17.00 1.74 14.28
C PRO A 130 -17.62 0.38 14.67
N LYS A 131 -18.76 0.08 14.08
CA LYS A 131 -19.43 -1.19 14.44
C LYS A 131 -18.51 -2.36 14.03
N THR A 132 -17.89 -2.28 12.85
CA THR A 132 -17.05 -3.37 12.32
C THR A 132 -15.56 -3.14 12.55
N LYS A 133 -15.19 -1.96 13.08
CA LYS A 133 -13.80 -1.63 13.36
C LYS A 133 -12.92 -1.73 12.10
N LYS A 134 -13.51 -1.88 10.91
CA LYS A 134 -12.76 -1.96 9.64
C LYS A 134 -12.24 -0.59 9.20
N TYR A 135 -11.10 -0.61 8.52
CA TYR A 135 -10.47 0.63 8.11
C TYR A 135 -9.95 0.50 6.69
N GLY A 136 -9.85 1.66 6.06
CA GLY A 136 -9.32 1.80 4.71
C GLY A 136 -8.27 2.87 4.73
N ALA A 137 -7.14 2.65 4.05
CA ALA A 137 -6.08 3.67 4.00
C ALA A 137 -5.34 3.62 2.66
N LEU A 138 -4.47 4.60 2.41
CA LEU A 138 -3.62 4.76 1.19
C LEU A 138 -4.41 5.19 -0.05
N GLY A 139 -5.43 4.45 -0.45
CA GLY A 139 -6.26 4.81 -1.61
C GLY A 139 -5.70 4.32 -2.93
N HIS A 140 -4.56 3.64 -2.88
CA HIS A 140 -3.90 3.09 -4.10
C HIS A 140 -3.16 1.82 -3.72
N VAL A 141 -2.84 0.98 -4.71
CA VAL A 141 -2.17 -0.33 -4.49
C VAL A 141 -0.72 -0.15 -4.08
N ILE A 142 -0.23 -1.03 -3.21
CA ILE A 142 1.21 -1.01 -2.81
C ILE A 142 1.92 -1.95 -3.78
N SER A 143 3.07 -1.55 -4.29
CA SER A 143 3.76 -2.31 -5.31
C SER A 143 5.20 -2.56 -4.90
N ASP A 144 5.85 -3.45 -5.63
CA ASP A 144 7.26 -3.63 -5.38
C ASP A 144 8.04 -2.56 -6.12
N MET A 145 9.12 -2.14 -5.46
CA MET A 145 10.02 -1.13 -6.03
C MET A 145 10.54 -1.52 -7.41
N ASP A 146 11.06 -2.74 -7.57
CA ASP A 146 11.59 -3.10 -8.88
C ASP A 146 10.55 -3.70 -9.84
N THR A 147 9.68 -4.60 -9.37
CA THR A 147 8.73 -5.25 -10.27
C THR A 147 7.61 -4.33 -10.70
N LYS A 148 7.23 -3.37 -9.84
CA LYS A 148 6.08 -2.49 -10.04
C LYS A 148 4.79 -3.28 -10.22
N LYS A 149 4.72 -4.47 -9.64
CA LYS A 149 3.47 -5.22 -9.52
C LYS A 149 3.02 -5.24 -8.08
N PRO A 150 1.75 -5.53 -7.83
CA PRO A 150 1.21 -5.48 -6.46
C PRO A 150 1.78 -6.58 -5.57
N ILE A 151 2.04 -6.21 -4.32
CA ILE A 151 2.39 -7.20 -3.32
C ILE A 151 1.16 -8.05 -2.99
N VAL A 152 1.30 -9.36 -3.12
CA VAL A 152 0.22 -10.27 -2.77
C VAL A 152 0.28 -10.51 -1.27
N VAL A 153 -0.85 -10.35 -0.60
CA VAL A 153 -0.84 -10.20 0.85
C VAL A 153 -0.90 -11.58 1.48
N GLU A 154 0.13 -11.92 2.26
CA GLU A 154 0.00 -12.98 3.26
C GLU A 154 -0.65 -12.37 4.50
N ASN A 155 0.06 -11.44 5.13
CA ASN A 155 -0.56 -10.68 6.19
C ASN A 155 0.09 -9.29 6.20
N GLY A 156 -0.27 -8.49 7.20
CA GLY A 156 0.40 -7.21 7.29
C GLY A 156 -0.05 -6.50 8.53
N GLU A 157 0.51 -5.31 8.72
CA GLU A 157 0.21 -4.54 9.91
C GLU A 157 0.46 -3.06 9.64
N ILE A 158 -0.11 -2.22 10.51
CA ILE A 158 0.08 -0.78 10.46
C ILE A 158 0.58 -0.30 11.82
N VAL A 159 1.17 0.89 11.82
CA VAL A 159 1.75 1.49 13.02
C VAL A 159 1.62 3.01 12.98
N LYS A 160 1.64 3.62 14.16
CA LYS A 160 1.69 5.08 14.22
C LYS A 160 2.99 5.58 13.61
N SER A 161 2.95 6.77 13.01
CA SER A 161 4.19 7.36 12.56
C SER A 161 4.10 8.89 12.70
N THR A 162 5.27 9.51 12.54
CA THR A 162 5.51 10.89 12.94
C THR A 162 6.16 11.62 11.77
N VAL A 163 5.91 12.92 11.66
CA VAL A 163 6.65 13.76 10.71
C VAL A 163 7.67 14.53 11.53
N THR A 164 8.95 14.15 11.43
CA THR A 164 9.95 14.82 12.26
C THR A 164 10.42 16.15 11.67
N SER A 165 10.46 16.27 10.34
CA SER A 165 10.88 17.53 9.74
C SER A 165 10.55 17.52 8.27
N ILE A 166 10.68 18.72 7.68
CA ILE A 166 10.56 18.98 6.25
C ILE A 166 11.88 19.59 5.78
N GLU A 167 12.49 19.01 4.77
CA GLU A 167 13.86 19.38 4.42
C GLU A 167 13.89 19.87 2.98
N LYS A 168 14.46 21.06 2.78
CA LYS A 168 14.64 21.56 1.42
C LYS A 168 15.79 20.81 0.73
N GLY A 169 15.65 20.60 -0.58
CA GLY A 169 16.68 19.99 -1.38
C GLY A 169 17.19 20.92 -2.48
N THR A 170 18.46 21.34 -2.37
CA THR A 170 19.07 22.18 -3.40
C THR A 170 18.98 21.52 -4.77
N GLY A 171 19.45 20.28 -4.86
CA GLY A 171 19.33 19.50 -6.08
C GLY A 171 18.09 18.61 -6.03
N GLY A 172 17.32 18.64 -7.11
CA GLY A 172 16.05 17.93 -7.18
C GLY A 172 14.92 18.79 -6.68
N ASN A 173 13.75 18.15 -6.57
CA ASN A 173 12.59 18.83 -6.00
C ASN A 173 12.88 19.23 -4.56
N PRO A 174 12.46 20.44 -4.14
CA PRO A 174 12.95 20.98 -2.85
C PRO A 174 12.40 20.33 -1.58
N GLY A 175 11.07 20.29 -1.38
CA GLY A 175 10.50 19.97 -0.08
C GLY A 175 10.21 18.49 0.13
N GLU A 176 10.73 17.95 1.24
CA GLU A 176 10.61 16.53 1.57
C GLU A 176 10.37 16.34 3.05
N LYS A 177 9.37 15.52 3.38
CA LYS A 177 9.12 15.13 4.76
C LYS A 177 10.00 13.95 5.16
N LEU A 178 10.48 14.00 6.39
CA LEU A 178 11.20 12.88 6.98
C LEU A 178 10.35 12.33 8.13
N ALA A 179 10.02 11.04 8.07
CA ALA A 179 8.96 10.43 8.86
C ALA A 179 9.53 9.35 9.77
N ARG A 180 8.78 9.01 10.82
CA ARG A 180 9.28 8.13 11.87
C ARG A 180 8.26 7.04 12.19
N PHE A 181 8.55 5.84 11.71
CA PHE A 181 7.94 4.55 12.03
C PHE A 181 7.98 4.31 13.54
N SER A 182 7.21 3.32 14.00
CA SER A 182 7.06 3.06 15.44
C SER A 182 7.95 1.90 15.86
N SER A 183 9.09 2.22 16.51
CA SER A 183 10.04 1.25 17.05
C SER A 183 9.53 0.57 18.31
N GLU A 184 8.34 0.97 18.77
CA GLU A 184 7.57 0.22 19.74
C GLU A 184 6.74 -0.85 19.07
N ARG A 185 6.71 -0.85 17.72
CA ARG A 185 6.13 -1.91 16.91
C ARG A 185 4.72 -2.25 17.37
N LYS A 186 4.04 -1.26 17.94
CA LYS A 186 2.64 -1.45 18.31
C LYS A 186 1.83 -1.56 17.02
N THR A 187 1.29 -2.75 16.77
CA THR A 187 0.43 -3.03 15.62
C THR A 187 -0.99 -2.61 15.95
N ILE A 188 -1.47 -1.50 15.35
CA ILE A 188 -2.81 -1.02 15.67
C ILE A 188 -3.87 -1.66 14.78
N GLY A 189 -3.49 -2.07 13.58
CA GLY A 189 -4.38 -2.84 12.75
C GLY A 189 -3.58 -3.94 12.09
N ASP A 190 -4.32 -4.77 11.37
CA ASP A 190 -3.72 -5.80 10.50
C ASP A 190 -4.01 -5.38 9.04
N ILE A 191 -3.51 -6.12 8.07
CA ILE A 191 -3.83 -5.75 6.67
C ILE A 191 -4.34 -7.01 5.98
N ASN A 192 -5.54 -6.99 5.44
CA ASN A 192 -6.02 -8.23 4.78
C ASN A 192 -6.25 -8.00 3.29
N ARG A 193 -6.03 -6.80 2.78
CA ARG A 193 -6.27 -6.66 1.32
C ARG A 193 -5.41 -5.55 0.73
N ASN A 194 -4.55 -5.87 -0.23
CA ASN A 194 -3.78 -4.82 -0.95
C ASN A 194 -4.55 -4.66 -2.25
N SER A 195 -5.11 -3.49 -2.48
CA SER A 195 -6.02 -3.33 -3.63
C SER A 195 -5.67 -2.08 -4.44
N PRO A 196 -6.29 -1.90 -5.62
CA PRO A 196 -6.11 -0.73 -6.47
C PRO A 196 -6.58 0.52 -5.73
N PHE A 197 -7.65 0.39 -4.93
CA PHE A 197 -8.25 1.45 -4.11
C PHE A 197 -7.63 1.51 -2.71
N GLY A 198 -6.62 0.72 -2.39
CA GLY A 198 -5.95 0.90 -1.09
C GLY A 198 -5.73 -0.37 -0.28
N ILE A 199 -5.28 -0.21 0.97
CA ILE A 199 -5.06 -1.34 1.91
C ILE A 199 -6.18 -1.29 2.94
N PHE A 200 -6.84 -2.42 3.18
CA PHE A 200 -8.02 -2.53 4.00
C PHE A 200 -7.78 -3.58 5.07
N GLY A 201 -8.04 -3.19 6.32
CA GLY A 201 -7.83 -4.11 7.41
C GLY A 201 -8.80 -3.93 8.55
N THR A 202 -8.60 -4.66 9.62
CA THR A 202 -9.38 -4.50 10.85
C THR A 202 -8.48 -3.86 11.90
N LEU A 203 -9.01 -2.83 12.57
CA LEU A 203 -8.31 -2.14 13.64
C LEU A 203 -8.43 -2.89 14.95
N HIS A 204 -7.40 -2.75 15.80
CA HIS A 204 -7.44 -3.41 17.10
C HIS A 204 -8.34 -2.66 18.07
N GLN A 205 -8.14 -1.35 18.21
CA GLN A 205 -9.04 -0.49 18.97
C GLN A 205 -9.19 0.83 18.23
N PRO A 206 -10.35 1.45 18.32
CA PRO A 206 -10.58 2.71 17.61
C PRO A 206 -9.50 3.73 17.92
N ILE A 207 -9.13 4.49 16.91
CA ILE A 207 -8.12 5.52 17.04
C ILE A 207 -8.78 6.87 17.14
N GLN A 208 -7.98 7.92 17.29
CA GLN A 208 -8.46 9.27 17.48
C GLN A 208 -7.62 10.21 16.63
N ASN A 209 -8.24 11.32 16.20
CA ASN A 209 -7.52 12.36 15.49
C ASN A 209 -7.57 13.72 16.18
N ASN A 210 -8.49 13.95 17.12
CA ASN A 210 -8.67 15.19 17.87
C ASN A 210 -9.17 16.34 17.01
N ILE A 211 -9.54 16.08 15.76
CA ILE A 211 -10.09 17.10 14.87
C ILE A 211 -11.47 16.70 14.36
N SER A 212 -11.59 15.49 13.83
CA SER A 212 -12.79 15.01 13.17
C SER A 212 -12.98 13.55 13.56
N ASP A 213 -13.38 13.32 14.81
CA ASP A 213 -13.60 11.98 15.33
C ASP A 213 -15.09 11.66 15.45
N GLN A 214 -15.93 12.37 14.72
CA GLN A 214 -17.35 12.08 14.66
C GLN A 214 -17.62 11.46 13.30
N ALA A 215 -18.27 10.30 13.31
CA ALA A 215 -18.68 9.62 12.10
C ALA A 215 -19.36 10.59 11.14
N LEU A 216 -18.95 10.54 9.89
CA LEU A 216 -19.61 11.33 8.89
C LEU A 216 -20.28 10.44 7.86
N PRO A 217 -21.28 10.95 7.14
CA PRO A 217 -21.81 10.20 5.99
C PRO A 217 -20.80 10.15 4.86
N VAL A 218 -20.99 9.15 3.98
CA VAL A 218 -20.12 8.94 2.82
C VAL A 218 -20.88 9.36 1.57
N ALA A 219 -20.15 9.84 0.58
CA ALA A 219 -20.77 10.38 -0.63
C ALA A 219 -20.63 9.42 -1.80
N PHE A 220 -21.63 9.45 -2.68
CA PHE A 220 -21.44 8.97 -4.03
C PHE A 220 -20.78 10.06 -4.87
N SER A 221 -20.19 9.67 -6.00
CA SER A 221 -19.44 10.65 -6.77
C SER A 221 -20.35 11.72 -7.37
N THR A 222 -21.61 11.39 -7.69
CA THR A 222 -22.49 12.42 -8.22
C THR A 222 -22.67 13.57 -7.25
N GLU A 223 -22.40 13.34 -5.95
CA GLU A 223 -22.54 14.35 -4.94
C GLU A 223 -21.27 15.20 -4.77
N VAL A 224 -20.19 14.87 -5.45
CA VAL A 224 -18.98 15.68 -5.30
C VAL A 224 -19.16 16.96 -6.09
N LYS A 225 -18.67 18.07 -5.55
CA LYS A 225 -18.84 19.36 -6.18
C LYS A 225 -17.49 20.05 -6.42
N LYS A 226 -17.38 20.70 -7.58
CA LYS A 226 -16.24 21.55 -7.83
C LYS A 226 -16.18 22.57 -6.72
N GLY A 227 -14.98 22.86 -6.23
CA GLY A 227 -14.86 23.92 -5.26
C GLY A 227 -14.22 23.47 -3.97
N PRO A 228 -14.42 24.22 -2.89
CA PRO A 228 -13.69 23.95 -1.66
C PRO A 228 -13.93 22.55 -1.18
N ALA A 229 -12.90 22.01 -0.53
CA ALA A 229 -13.01 20.77 0.22
C ALA A 229 -11.95 20.84 1.30
N GLU A 230 -11.82 19.76 2.06
CA GLU A 230 -10.84 19.72 3.14
C GLU A 230 -10.14 18.37 3.16
N ILE A 231 -8.89 18.38 3.61
CA ILE A 231 -8.17 17.12 3.81
C ILE A 231 -7.66 17.08 5.23
N LEU A 232 -7.29 15.88 5.64
CA LEU A 232 -6.79 15.60 6.98
C LEU A 232 -5.44 14.93 6.83
N THR A 233 -4.40 15.51 7.43
CA THR A 233 -3.11 14.82 7.38
C THR A 233 -2.15 15.43 8.41
N VAL A 234 -0.98 14.79 8.54
CA VAL A 234 -0.02 15.09 9.59
C VAL A 234 1.20 15.75 8.97
N ILE A 235 1.58 16.93 9.49
CA ILE A 235 2.79 17.60 9.02
C ILE A 235 3.74 17.94 10.15
N ASP A 236 3.36 17.69 11.39
CA ASP A 236 4.22 17.93 12.54
C ASP A 236 3.84 16.88 13.59
N ASP A 237 4.86 16.21 14.15
CA ASP A 237 4.73 15.14 15.13
C ASP A 237 3.70 14.10 14.70
N ASP A 238 2.63 13.90 15.46
CA ASP A 238 1.57 13.00 15.00
C ASP A 238 0.18 13.64 15.15
N LYS A 239 0.09 14.96 15.00
CA LYS A 239 -1.19 15.66 15.12
C LYS A 239 -1.84 15.80 13.76
N VAL A 240 -3.08 15.29 13.64
CA VAL A 240 -3.84 15.39 12.36
C VAL A 240 -4.51 16.77 12.32
N GLU A 241 -4.30 17.53 11.23
CA GLU A 241 -4.89 18.89 11.12
C GLU A 241 -5.61 19.05 9.77
N LYS A 242 -6.66 19.88 9.75
CA LYS A 242 -7.47 20.16 8.52
C LYS A 242 -6.66 21.06 7.56
N PHE A 243 -6.83 20.84 6.25
CA PHE A 243 -6.13 21.64 5.22
C PHE A 243 -7.12 21.99 4.09
N ASP A 244 -7.28 23.28 3.80
CA ASP A 244 -8.20 23.72 2.74
C ASP A 244 -7.69 23.27 1.38
N ILE A 245 -8.56 22.68 0.56
CA ILE A 245 -8.21 22.29 -0.81
C ILE A 245 -9.37 22.65 -1.73
N GLU A 246 -9.20 22.37 -3.01
CA GLU A 246 -10.27 22.56 -3.96
C GLU A 246 -10.35 21.37 -4.89
N ILE A 247 -11.57 20.90 -5.11
CA ILE A 247 -11.88 19.93 -6.14
C ILE A 247 -11.89 20.70 -7.45
N VAL A 248 -10.82 20.58 -8.22
CA VAL A 248 -10.66 21.30 -9.46
C VAL A 248 -11.60 20.74 -10.51
N SER A 249 -11.73 19.42 -10.53
CA SER A 249 -12.57 18.72 -11.48
C SER A 249 -12.92 17.37 -10.88
N THR A 250 -14.07 16.82 -11.28
CA THR A 250 -14.54 15.57 -10.68
C THR A 250 -15.30 14.78 -11.74
N THR A 251 -14.98 13.51 -11.85
CA THR A 251 -15.67 12.68 -12.80
C THR A 251 -16.61 11.74 -12.08
N PRO A 252 -17.83 11.66 -12.54
CA PRO A 252 -18.80 10.70 -11.95
C PRO A 252 -18.60 9.31 -12.52
N GLN A 253 -17.65 8.59 -11.93
CA GLN A 253 -17.26 7.29 -12.49
C GLN A 253 -18.37 6.27 -12.34
N LYS A 254 -18.70 5.59 -13.44
CA LYS A 254 -19.80 4.62 -13.42
C LYS A 254 -19.33 3.22 -13.12
N PHE A 255 -18.02 3.01 -12.99
CA PHE A 255 -17.45 1.72 -12.62
C PHE A 255 -16.17 2.02 -11.87
N PRO A 256 -15.63 1.03 -11.17
CA PRO A 256 -14.44 1.32 -10.34
C PRO A 256 -13.26 1.76 -11.19
N ALA A 257 -12.69 2.92 -10.82
CA ALA A 257 -11.55 3.48 -11.53
C ALA A 257 -10.74 4.32 -10.55
N THR A 258 -9.55 4.78 -11.00
CA THR A 258 -8.58 5.30 -10.05
C THR A 258 -8.62 6.80 -9.81
N LYS A 259 -8.91 7.62 -10.74
CA LYS A 259 -8.54 9.01 -10.51
C LYS A 259 -9.76 9.84 -10.77
N GLY A 260 -10.69 9.81 -9.81
CA GLY A 260 -12.01 10.40 -9.98
C GLY A 260 -12.08 11.87 -9.64
N MET A 261 -11.12 12.40 -8.88
CA MET A 261 -11.10 13.85 -8.69
C MET A 261 -9.72 14.39 -9.02
N VAL A 262 -9.67 15.61 -9.58
CA VAL A 262 -8.43 16.38 -9.63
C VAL A 262 -8.49 17.43 -8.54
N LEU A 263 -7.36 17.67 -7.86
CA LEU A 263 -7.35 18.50 -6.66
C LEU A 263 -6.27 19.57 -6.73
N LYS A 264 -6.51 20.68 -6.00
CA LYS A 264 -5.57 21.78 -5.83
C LYS A 264 -5.45 22.15 -4.36
N ILE A 265 -4.20 22.33 -3.91
CA ILE A 265 -3.89 22.75 -2.55
C ILE A 265 -3.99 24.26 -2.51
N THR A 266 -4.93 24.81 -1.75
CA THR A 266 -5.05 26.26 -1.60
C THR A 266 -4.81 26.75 -0.17
N ASP A 267 -4.63 25.84 0.78
CA ASP A 267 -4.41 26.24 2.16
C ASP A 267 -3.02 26.86 2.30
N PRO A 268 -2.92 28.08 2.84
CA PRO A 268 -1.61 28.75 2.92
C PRO A 268 -0.60 27.99 3.75
N ARG A 269 -1.02 27.49 4.92
CA ARG A 269 -0.08 26.84 5.82
C ARG A 269 0.56 25.63 5.14
N LEU A 270 -0.23 24.71 4.59
CA LEU A 270 0.32 23.60 3.84
C LEU A 270 1.21 24.08 2.69
N LEU A 271 0.74 25.09 1.95
CA LEU A 271 1.53 25.58 0.83
C LEU A 271 2.90 26.04 1.27
N LYS A 272 3.01 26.61 2.47
CA LYS A 272 4.32 26.99 2.98
C LYS A 272 5.08 25.77 3.49
N GLU A 273 4.46 25.01 4.38
CA GLU A 273 5.18 24.01 5.14
C GLU A 273 5.51 22.77 4.33
N THR A 274 4.77 22.48 3.25
CA THR A 274 5.16 21.39 2.37
C THR A 274 5.27 21.77 0.91
N GLY A 275 4.84 22.96 0.51
CA GLY A 275 4.69 23.23 -0.90
C GLY A 275 3.50 22.56 -1.54
N GLY A 276 2.74 21.76 -0.79
CA GLY A 276 1.58 21.08 -1.31
C GLY A 276 1.51 19.62 -0.93
N ILE A 277 1.22 18.75 -1.90
CA ILE A 277 1.14 17.31 -1.66
C ILE A 277 2.53 16.70 -1.70
N VAL A 278 2.91 15.96 -0.65
CA VAL A 278 4.20 15.27 -0.59
C VAL A 278 4.03 13.88 0.04
N GLN A 279 5.13 13.15 0.11
CA GLN A 279 5.16 11.76 0.62
C GLN A 279 4.50 11.61 1.99
N GLY A 280 3.74 10.53 2.15
CA GLY A 280 3.01 10.21 3.38
C GLY A 280 1.58 10.70 3.38
N MET A 281 1.18 11.43 2.36
CA MET A 281 -0.20 11.98 2.32
C MET A 281 -1.10 11.06 1.50
N ALA A 282 -0.65 9.85 1.21
CA ALA A 282 -1.29 8.83 0.35
C ALA A 282 -2.63 8.32 0.88
N GLY A 283 -2.95 8.49 2.14
CA GLY A 283 -4.29 8.04 2.54
C GLY A 283 -5.12 9.19 3.04
N ALA A 284 -4.50 10.37 3.22
CA ALA A 284 -5.07 11.62 3.77
C ALA A 284 -6.48 11.78 3.23
N PRO A 285 -7.74 11.78 4.01
CA PRO A 285 -9.14 11.76 3.62
C PRO A 285 -9.66 13.15 3.29
N ILE A 286 -10.63 13.18 2.37
CA ILE A 286 -11.13 14.42 1.75
C ILE A 286 -12.59 14.61 2.11
N ILE A 287 -12.88 15.66 2.86
CA ILE A 287 -14.20 15.89 3.40
C ILE A 287 -14.80 17.14 2.75
N GLN A 288 -15.98 16.97 2.15
CA GLN A 288 -16.75 18.05 1.53
C GLN A 288 -18.18 18.03 2.05
N ASN A 289 -18.63 19.17 2.58
CA ASN A 289 -20.04 19.33 2.92
C ASN A 289 -20.45 18.28 3.96
N GLY A 290 -19.61 18.08 4.96
CA GLY A 290 -19.93 17.11 5.99
C GLY A 290 -19.95 15.67 5.51
N LYS A 291 -19.37 15.37 4.36
CA LYS A 291 -19.29 13.99 3.92
C LYS A 291 -17.84 13.66 3.57
N VAL A 292 -17.42 12.46 3.96
CA VAL A 292 -16.20 11.88 3.43
C VAL A 292 -16.44 11.53 1.97
N ILE A 293 -15.66 12.12 1.05
CA ILE A 293 -15.84 11.85 -0.38
C ILE A 293 -14.68 11.08 -1.00
N GLY A 294 -13.52 11.02 -0.37
CA GLY A 294 -12.43 10.26 -0.96
C GLY A 294 -11.13 10.40 -0.23
N ALA A 295 -10.05 10.08 -0.94
CA ALA A 295 -8.72 10.14 -0.37
C ALA A 295 -7.79 10.71 -1.41
N VAL A 296 -6.75 11.40 -0.92
CA VAL A 296 -5.66 11.85 -1.77
C VAL A 296 -4.83 10.65 -2.21
N THR A 297 -4.64 10.48 -3.52
CA THR A 297 -3.88 9.34 -3.99
C THR A 297 -2.64 9.72 -4.79
N HIS A 298 -2.66 10.85 -5.52
CA HIS A 298 -1.52 11.18 -6.38
C HIS A 298 -1.11 12.65 -6.23
N VAL A 299 0.19 12.94 -6.47
CA VAL A 299 0.63 14.31 -6.76
C VAL A 299 0.87 14.38 -8.25
N PHE A 300 0.63 15.55 -8.84
CA PHE A 300 1.07 15.73 -10.22
C PHE A 300 2.60 15.67 -10.32
N VAL A 301 3.08 14.90 -11.30
CA VAL A 301 4.52 14.66 -11.50
C VAL A 301 5.28 15.98 -11.46
N ASN A 302 4.78 16.98 -12.17
CA ASN A 302 5.32 18.34 -12.11
C ASN A 302 4.21 19.31 -11.73
N ASP A 303 3.69 19.13 -10.52
CA ASP A 303 2.90 20.13 -9.80
C ASP A 303 2.60 19.61 -8.40
N PRO A 304 3.41 19.97 -7.40
CA PRO A 304 3.11 19.59 -6.02
C PRO A 304 1.96 20.37 -5.40
N THR A 305 1.33 21.30 -6.11
CA THR A 305 0.12 21.92 -5.61
C THR A 305 -1.14 21.23 -6.09
N SER A 306 -1.02 20.25 -6.96
CA SER A 306 -2.16 19.60 -7.57
C SER A 306 -1.99 18.09 -7.55
N GLY A 307 -3.11 17.40 -7.59
CA GLY A 307 -3.04 15.97 -7.45
C GLY A 307 -4.33 15.30 -7.87
N TYR A 308 -4.44 14.06 -7.48
CA TYR A 308 -5.61 13.27 -7.80
C TYR A 308 -6.12 12.65 -6.51
N GLY A 309 -7.42 12.40 -6.49
CA GLY A 309 -8.03 11.61 -5.45
C GLY A 309 -8.90 10.52 -6.02
N VAL A 310 -9.13 9.50 -5.21
CA VAL A 310 -9.97 8.36 -5.55
C VAL A 310 -11.31 8.57 -4.87
N HIS A 311 -12.39 8.21 -5.56
CA HIS A 311 -13.71 8.37 -4.98
C HIS A 311 -13.94 7.35 -3.84
N ILE A 312 -14.68 7.76 -2.81
CA ILE A 312 -14.73 6.97 -1.59
C ILE A 312 -15.43 5.64 -1.80
N GLU A 313 -16.34 5.57 -2.78
CA GLU A 313 -17.16 4.37 -2.86
C GLU A 313 -16.37 3.16 -3.37
N TRP A 314 -15.30 3.36 -4.15
CA TRP A 314 -14.48 2.23 -4.57
C TRP A 314 -13.69 1.65 -3.41
N MET A 315 -13.21 2.51 -2.50
CA MET A 315 -12.61 2.07 -1.25
C MET A 315 -13.61 1.32 -0.40
N LEU A 316 -14.84 1.85 -0.27
CA LEU A 316 -15.82 1.20 0.59
C LEU A 316 -16.20 -0.17 0.06
N SER A 317 -16.41 -0.27 -1.25
CA SER A 317 -16.66 -1.57 -1.87
C SER A 317 -15.57 -2.56 -1.50
N GLU A 318 -14.32 -2.22 -1.82
CA GLU A 318 -13.24 -3.14 -1.46
C GLU A 318 -13.25 -3.52 0.01
N ALA A 319 -13.69 -2.62 0.91
CA ALA A 319 -13.61 -2.92 2.33
C ALA A 319 -14.79 -3.77 2.84
N GLY A 320 -15.64 -4.27 1.95
CA GLY A 320 -16.77 -5.05 2.39
C GLY A 320 -17.98 -4.25 2.84
N ILE A 321 -17.88 -2.93 2.92
CA ILE A 321 -18.91 -2.07 3.50
C ILE A 321 -19.90 -1.62 2.43
N ASP A 322 -21.18 -1.96 2.63
CA ASP A 322 -22.20 -1.48 1.72
C ASP A 322 -22.47 0.02 1.95
N ILE A 323 -22.45 0.78 0.85
CA ILE A 323 -22.65 2.22 0.92
C ILE A 323 -24.13 2.63 0.91
N TYR A 324 -25.04 1.77 0.40
CA TYR A 324 -26.47 2.07 0.39
C TYR A 324 -27.09 2.05 1.77
N GLY A 325 -26.36 1.55 2.77
CA GLY A 325 -26.81 1.51 4.15
C GLY A 325 -27.11 0.12 4.67
N LYS A 326 -27.14 -0.88 3.81
CA LYS A 326 -27.42 -2.24 4.29
C LYS A 326 -26.33 -2.69 5.24
N GLU A 327 -26.65 -3.74 5.98
CA GLU A 327 -25.82 -4.24 7.06
C GLU A 327 -25.79 -5.75 6.94
N LYS A 328 -24.66 -6.34 7.30
CA LYS A 328 -24.52 -7.77 7.21
C LYS A 328 -24.68 -8.39 8.60
N ALA A 329 -25.11 -9.63 8.61
CA ALA A 329 -25.43 -10.32 9.85
C ALA A 329 -24.17 -10.79 10.57
N SER A 330 -24.28 -10.90 11.89
CA SER A 330 -23.29 -11.50 12.76
C SER A 330 -21.94 -10.83 12.65
#